data_6QYZ
#
_entry.id   6QYZ
#
_cell.length_a   1.0
_cell.length_b   1.0
_cell.length_c   1.0
_cell.angle_alpha   90.00
_cell.angle_beta   90.00
_cell.angle_gamma   90.00
#
_symmetry.space_group_name_H-M   'P 1'
#
_entity_poly.entity_id   1
_entity_poly.type   'polyribonucleotide'
_entity_poly.pdbx_seq_one_letter_code
;UCAAUGGUACGGUACUUCCAUUGUCAUGUGUAUGUUGGGGAUUAAACCCUGAUUGAGUUCAGCCCACAUACUUUGUUGAU
UGGUUGUCAAUCAUGGCAAAAGUGCACGCUACUUUGAUAA
;
_entity_poly.pdbx_strand_id   D,A,B,C,E
#